data_3AS1
#
_entry.id   3AS1
#
_cell.length_a   67.370
_cell.length_b   83.610
_cell.length_c   103.770
_cell.angle_alpha   90.000
_cell.angle_beta   90.000
_cell.angle_gamma   90.000
#
_symmetry.space_group_name_H-M   'P 21 21 21'
#
loop_
_entity.id
_entity.type
_entity.pdbx_description
1 polymer 'Chitinase A'
2 non-polymer 1,2-dimethoxy-12-methyl[1,3]benzodioxolo[5,6-c]phenanthridin-12-ium
3 non-polymer GLYCEROL
4 water water
#
_entity_poly.entity_id   1
_entity_poly.type   'polypeptide(L)'
_entity_poly.pdbx_seq_one_letter_code
;APTAPSIDMYGSNNLQFSKIELAMETTSGYNDMVKYHELAKIKVKFNQWSGTSGDTYNVYFDGVKVATGAITGSQTTASF
EYGQGGLYQMEIEACDATGCSKSAPVEITIADTDGSHLKPLTMNVDPNNKSYNTDPSIVMGTYFVEWGIYGRDYTVDNMP
VDNLTHILYGFIPICGPNESVKSVGGNSFNALQTACRGVNDYEVVIHDPWAAYQKSFPQAGHEYSTPIKGNYAMLMALKQ
RNPDLKIIPSIGGGTLSDPFYDFVDKKNRDTFVASVKKFLKTWKFYDGVDIDWEFPGGGGAAADKGDPVNDGPAYIALMR
ELRVMLDELEAETGRTYELTSAIGVGYDKIEDVDYADAVQYMDYIFAMTYDFYGGWNNVPGHQTALYCGSFMRPGQCDGG
GVDENGEPYKGPAYTADNGIQLLLAQGVPANKLVLGTAMYGRGWEGVTPDTLTDPNDPMTGTATGKLKGSTAQGVWEDGV
IDYKGIKSFMLGANNTGINGFEYGYDAQAEAPWVWNRSTGELITFDDHRSVLAKGNYAKSLGLAGLFSWEIDADNGDILN
AMHEGMAGGVVTPPNRRSHHHHHH
;
_entity_poly.pdbx_strand_id   A
#
loop_
_chem_comp.id
_chem_comp.type
_chem_comp.name
_chem_comp.formula
CTI non-polymer 1,2-dimethoxy-12-methyl[1,3]benzodioxolo[5,6-c]phenanthridin-12-ium 'C21 H18 N O4 1'
GOL non-polymer GLYCEROL 'C3 H8 O3'
#
# COMPACT_ATOMS: atom_id res chain seq x y z
N ALA A 1 -55.61 -6.21 7.80
CA ALA A 1 -56.24 -4.97 8.31
C ALA A 1 -55.55 -4.38 9.53
N PRO A 2 -54.39 -4.93 9.96
CA PRO A 2 -53.62 -4.06 10.89
C PRO A 2 -53.24 -2.77 10.17
N THR A 3 -52.85 -1.76 10.92
CA THR A 3 -52.18 -0.58 10.33
C THR A 3 -50.83 -0.97 9.72
N ALA A 4 -50.52 -0.43 8.55
CA ALA A 4 -49.26 -0.70 7.84
C ALA A 4 -48.12 -0.14 8.72
N PRO A 5 -47.05 -0.91 9.00
CA PRO A 5 -45.92 -0.32 9.78
C PRO A 5 -45.31 0.93 9.15
N SER A 6 -44.79 1.86 9.98
CA SER A 6 -43.90 3.00 9.60
C SER A 6 -42.54 2.63 10.15
N ILE A 7 -41.51 2.73 9.33
CA ILE A 7 -40.16 2.45 9.76
C ILE A 7 -39.57 3.66 10.50
N ASP A 8 -38.97 3.41 11.65
CA ASP A 8 -38.24 4.43 12.44
C ASP A 8 -36.79 4.38 11.98
N MET A 9 -36.48 5.24 11.00
CA MET A 9 -35.17 5.31 10.38
C MET A 9 -34.08 5.64 11.40
N TYR A 10 -34.28 6.68 12.22
CA TYR A 10 -33.22 7.03 13.16
C TYR A 10 -33.09 6.11 14.32
N GLY A 11 -34.18 5.50 14.75
CA GLY A 11 -34.12 4.51 15.76
C GLY A 11 -33.53 3.20 15.21
N SER A 12 -33.30 3.06 13.90
CA SER A 12 -32.82 1.84 13.30
C SER A 12 -31.40 2.04 12.70
N ASN A 13 -30.58 2.87 13.36
CA ASN A 13 -29.21 3.15 12.94
C ASN A 13 -29.16 3.72 11.50
N ASN A 14 -30.19 4.48 11.18
CA ASN A 14 -30.35 4.96 9.79
C ASN A 14 -30.41 3.97 8.66
N LEU A 15 -30.88 2.77 8.97
CA LEU A 15 -30.85 1.67 8.08
C LEU A 15 -29.44 1.42 7.49
N GLN A 16 -28.37 1.64 8.27
CA GLN A 16 -27.02 1.33 7.82
C GLN A 16 -26.60 0.13 8.62
N PHE A 17 -26.51 -1.05 8.01
CA PHE A 17 -26.07 -2.27 8.70
C PHE A 17 -24.78 -2.77 8.08
N SER A 18 -24.19 -3.84 8.64
CA SER A 18 -22.81 -4.22 8.18
C SER A 18 -22.41 -5.63 8.57
N LYS A 19 -21.82 -6.34 7.65
CA LYS A 19 -21.15 -7.60 8.03
C LYS A 19 -19.91 -7.37 8.90
N ILE A 20 -19.36 -6.16 8.89
CA ILE A 20 -18.20 -5.93 9.73
C ILE A 20 -18.53 -4.88 10.81
N GLU A 21 -18.18 -5.19 12.04
CA GLU A 21 -18.45 -4.30 13.12
C GLU A 21 -17.12 -3.60 13.51
N LEU A 22 -17.05 -2.27 13.41
CA LEU A 22 -15.75 -1.59 13.57
C LEU A 22 -15.92 -0.53 14.69
N ALA A 23 -15.07 -0.52 15.71
CA ALA A 23 -15.11 0.57 16.67
C ALA A 23 -14.79 1.90 15.98
N MET A 24 -15.65 2.90 16.13
CA MET A 24 -15.49 4.17 15.48
C MET A 24 -15.00 5.26 16.46
N GLU A 25 -15.14 5.04 17.77
CA GLU A 25 -14.84 6.11 18.76
C GLU A 25 -13.82 5.73 19.87
N THR A 26 -12.81 4.93 19.52
CA THR A 26 -11.79 4.55 20.46
C THR A 26 -10.60 4.05 19.68
N THR A 27 -9.49 3.89 20.39
CA THR A 27 -8.29 3.23 19.84
C THR A 27 -7.87 2.17 20.83
N SER A 28 -7.96 0.90 20.42
CA SER A 28 -7.71 -0.21 21.30
C SER A 28 -7.07 -1.40 20.51
N GLY A 29 -7.03 -2.58 21.12
CA GLY A 29 -6.53 -3.85 20.46
C GLY A 29 -7.34 -4.17 19.17
N TYR A 30 -6.67 -4.77 18.19
CA TYR A 30 -7.27 -5.01 16.89
C TYR A 30 -8.52 -5.96 17.00
N ASN A 31 -8.40 -7.03 17.81
CA ASN A 31 -9.46 -8.01 18.03
C ASN A 31 -10.72 -7.40 18.76
N ASP A 32 -10.46 -6.41 19.60
CA ASP A 32 -11.43 -5.56 20.26
C ASP A 32 -12.13 -4.63 19.26
N MET A 33 -11.39 -4.07 18.27
CA MET A 33 -12.00 -3.05 17.41
C MET A 33 -12.68 -3.62 16.16
N VAL A 34 -12.23 -4.77 15.64
CA VAL A 34 -12.70 -5.29 14.32
C VAL A 34 -13.33 -6.69 14.55
N LYS A 35 -14.63 -6.87 14.22
CA LYS A 35 -15.26 -8.19 14.25
C LYS A 35 -16.05 -8.40 12.98
N TYR A 36 -15.72 -9.44 12.21
CA TYR A 36 -16.33 -9.68 10.91
C TYR A 36 -17.32 -10.80 11.15
N HIS A 37 -18.55 -10.68 10.69
CA HIS A 37 -19.62 -11.66 10.93
C HIS A 37 -20.08 -12.24 9.62
N GLU A 38 -20.24 -13.55 9.54
CA GLU A 38 -20.73 -14.18 8.28
C GLU A 38 -22.16 -13.71 7.96
N LEU A 39 -22.93 -13.45 9.01
CA LEU A 39 -24.28 -12.87 8.84
C LEU A 39 -24.32 -11.50 9.52
N ALA A 40 -24.75 -10.45 8.82
CA ALA A 40 -24.94 -9.12 9.43
C ALA A 40 -26.13 -9.15 10.38
N LYS A 41 -25.98 -8.49 11.53
CA LYS A 41 -27.09 -8.40 12.48
C LYS A 41 -27.96 -7.20 12.08
N ILE A 42 -29.25 -7.44 11.80
CA ILE A 42 -30.16 -6.36 11.33
C ILE A 42 -31.17 -6.10 12.49
N LYS A 43 -31.44 -4.84 12.77
CA LYS A 43 -32.40 -4.49 13.80
C LYS A 43 -33.19 -3.29 13.34
N VAL A 44 -34.48 -3.51 13.09
CA VAL A 44 -35.33 -2.44 12.51
C VAL A 44 -36.49 -2.17 13.46
N LYS A 45 -36.61 -0.93 13.91
CA LYS A 45 -37.75 -0.51 14.72
C LYS A 45 -38.82 0.01 13.82
N PHE A 46 -40.07 -0.35 14.12
CA PHE A 46 -41.20 0.19 13.42
C PHE A 46 -42.36 0.50 14.35
N ASN A 47 -43.26 1.38 13.89
CA ASN A 47 -44.38 1.84 14.72
C ASN A 47 -45.74 1.66 14.00
N GLN A 48 -46.80 1.43 14.78
CA GLN A 48 -48.17 1.42 14.27
C GLN A 48 -48.87 2.25 15.31
N TRP A 49 -48.86 3.56 15.06
CA TRP A 49 -49.35 4.48 16.09
C TRP A 49 -50.87 4.51 16.14
N SER A 50 -51.57 4.26 15.04
CA SER A 50 -53.02 4.20 15.21
C SER A 50 -53.59 2.83 14.81
N GLY A 51 -54.87 2.59 15.08
CA GLY A 51 -55.54 1.33 14.69
C GLY A 51 -54.87 0.09 15.27
N THR A 52 -55.07 -1.07 14.67
CA THR A 52 -54.65 -2.25 15.38
C THR A 52 -53.25 -2.68 14.87
N SER A 53 -52.48 -3.31 15.74
CA SER A 53 -51.12 -3.60 15.34
C SER A 53 -51.02 -4.99 14.65
N GLY A 54 -52.01 -5.87 14.91
CA GLY A 54 -51.99 -7.23 14.38
C GLY A 54 -51.10 -8.11 15.25
N ASP A 55 -50.70 -9.28 14.77
CA ASP A 55 -50.02 -10.22 15.65
CA ASP A 55 -50.10 -10.33 15.58
C ASP A 55 -48.72 -10.75 15.13
N THR A 56 -48.43 -10.56 13.84
CA THR A 56 -47.19 -11.06 13.24
CA THR A 56 -47.20 -11.08 13.20
C THR A 56 -46.64 -10.10 12.16
N TYR A 57 -45.32 -10.03 12.04
CA TYR A 57 -44.69 -9.20 10.99
C TYR A 57 -43.89 -10.05 10.10
N ASN A 58 -43.76 -9.63 8.83
CA ASN A 58 -42.86 -10.24 7.86
C ASN A 58 -41.95 -9.17 7.26
N VAL A 59 -40.68 -9.51 7.04
CA VAL A 59 -39.79 -8.50 6.41
C VAL A 59 -39.34 -8.96 5.05
N TYR A 60 -39.39 -8.07 4.04
CA TYR A 60 -39.05 -8.41 2.66
C TYR A 60 -37.88 -7.55 2.21
N PHE A 61 -36.91 -8.16 1.52
CA PHE A 61 -35.87 -7.41 0.76
C PHE A 61 -36.14 -7.70 -0.73
N ASP A 62 -36.33 -6.66 -1.53
CA ASP A 62 -36.66 -6.80 -2.97
C ASP A 62 -37.71 -7.88 -3.23
N GLY A 63 -38.66 -7.98 -2.31
CA GLY A 63 -39.84 -8.77 -2.54
C GLY A 63 -39.64 -10.17 -2.03
N VAL A 64 -38.48 -10.48 -1.48
CA VAL A 64 -38.27 -11.79 -0.91
C VAL A 64 -38.36 -11.76 0.60
N LYS A 65 -39.09 -12.70 1.21
CA LYS A 65 -39.19 -12.76 2.67
C LYS A 65 -37.88 -13.17 3.37
N VAL A 66 -37.43 -12.37 4.34
CA VAL A 66 -36.15 -12.63 4.99
C VAL A 66 -36.26 -12.77 6.48
N ALA A 67 -37.39 -12.39 7.07
CA ALA A 67 -37.61 -12.55 8.52
C ALA A 67 -39.12 -12.50 8.85
N THR A 68 -39.50 -13.12 9.99
CA THR A 68 -40.83 -12.99 10.58
CA THR A 68 -40.85 -13.02 10.62
C THR A 68 -40.68 -12.98 12.09
N GLY A 69 -41.72 -12.55 12.80
CA GLY A 69 -41.74 -12.51 14.27
C GLY A 69 -43.08 -12.03 14.79
N ALA A 70 -43.18 -11.90 16.12
CA ALA A 70 -44.38 -11.45 16.80
C ALA A 70 -44.47 -9.94 16.85
N ILE A 71 -45.68 -9.39 16.70
CA ILE A 71 -45.96 -8.02 17.04
C ILE A 71 -46.70 -8.14 18.35
N THR A 72 -46.33 -7.34 19.33
CA THR A 72 -46.94 -7.43 20.64
CA THR A 72 -46.98 -7.43 20.62
C THR A 72 -47.51 -6.08 21.14
N GLY A 73 -47.16 -4.98 20.44
CA GLY A 73 -47.69 -3.63 20.76
C GLY A 73 -47.57 -2.57 19.65
N SER A 74 -47.58 -1.29 19.99
CA SER A 74 -47.57 -0.25 18.98
C SER A 74 -46.14 0.11 18.48
N GLN A 75 -45.12 -0.52 19.07
CA GLN A 75 -43.73 -0.34 18.65
CA GLN A 75 -43.73 -0.35 18.66
C GLN A 75 -43.04 -1.70 18.69
N THR A 76 -42.41 -2.11 17.60
CA THR A 76 -41.83 -3.43 17.51
C THR A 76 -40.41 -3.27 17.05
N THR A 77 -39.46 -4.03 17.66
CA THR A 77 -38.12 -4.15 17.11
C THR A 77 -37.91 -5.47 16.37
N ALA A 78 -37.71 -5.42 15.05
CA ALA A 78 -37.49 -6.69 14.29
C ALA A 78 -35.94 -6.96 14.26
N SER A 79 -35.45 -8.01 14.93
CA SER A 79 -34.04 -8.38 14.90
C SER A 79 -33.86 -9.69 14.14
N PHE A 80 -32.99 -9.70 13.13
CA PHE A 80 -32.72 -10.93 12.34
C PHE A 80 -31.32 -10.82 11.75
N GLU A 81 -30.92 -11.82 10.96
CA GLU A 81 -29.57 -11.86 10.33
C GLU A 81 -29.65 -11.98 8.83
N TYR A 82 -28.67 -11.45 8.11
CA TYR A 82 -28.68 -11.55 6.64
C TYR A 82 -27.26 -11.64 6.14
N GLY A 83 -27.01 -12.47 5.12
CA GLY A 83 -25.66 -12.86 4.78
C GLY A 83 -25.02 -12.18 3.58
N GLN A 84 -25.77 -11.35 2.86
CA GLN A 84 -25.23 -10.82 1.61
C GLN A 84 -25.20 -9.28 1.60
N GLY A 85 -24.08 -8.69 1.20
CA GLY A 85 -23.91 -7.20 1.27
C GLY A 85 -24.70 -6.59 0.13
N GLY A 86 -25.08 -5.32 0.21
CA GLY A 86 -25.76 -4.73 -0.94
C GLY A 86 -26.77 -3.68 -0.47
N LEU A 87 -27.49 -3.07 -1.43
CA LEU A 87 -28.61 -2.14 -1.12
C LEU A 87 -29.87 -2.86 -1.52
N TYR A 88 -30.89 -2.82 -0.66
CA TYR A 88 -32.11 -3.52 -0.92
C TYR A 88 -33.34 -2.62 -0.61
N GLN A 89 -34.45 -2.90 -1.28
CA GLN A 89 -35.74 -2.27 -1.05
C GLN A 89 -36.46 -3.11 0.02
N MET A 90 -36.60 -2.52 1.18
CA MET A 90 -37.13 -3.29 2.30
C MET A 90 -38.63 -2.92 2.51
N GLU A 91 -39.48 -3.94 2.77
CA GLU A 91 -40.85 -3.68 3.19
C GLU A 91 -41.10 -4.50 4.41
N ILE A 92 -41.89 -3.94 5.32
CA ILE A 92 -42.34 -4.69 6.49
C ILE A 92 -43.86 -4.66 6.52
N GLU A 93 -44.40 -5.85 6.71
CA GLU A 93 -45.81 -6.10 6.65
C GLU A 93 -46.29 -6.50 8.02
N ALA A 94 -47.45 -5.98 8.43
CA ALA A 94 -48.05 -6.50 9.65
C ALA A 94 -49.31 -7.33 9.29
N CYS A 95 -49.54 -8.43 10.03
CA CYS A 95 -50.63 -9.36 9.72
C CYS A 95 -51.45 -9.74 10.94
N ASP A 96 -52.76 -9.96 10.72
CA ASP A 96 -53.63 -10.62 11.72
C ASP A 96 -54.52 -11.66 11.01
N ALA A 97 -55.48 -12.27 11.72
CA ALA A 97 -56.35 -13.30 11.08
C ALA A 97 -57.07 -12.79 9.86
N THR A 98 -57.29 -11.47 9.72
CA THR A 98 -58.09 -10.94 8.58
C THR A 98 -57.27 -10.62 7.34
N GLY A 99 -55.95 -10.41 7.51
CA GLY A 99 -55.09 -10.08 6.38
C GLY A 99 -53.84 -9.28 6.78
N CYS A 100 -53.14 -8.71 5.79
CA CYS A 100 -51.78 -8.10 5.99
C CYS A 100 -51.77 -6.71 5.40
N SER A 101 -50.95 -5.79 5.93
CA SER A 101 -50.79 -4.43 5.43
C SER A 101 -49.29 -4.18 5.36
N LYS A 102 -48.78 -3.79 4.20
CA LYS A 102 -47.32 -3.63 3.96
C LYS A 102 -46.89 -2.15 4.06
N SER A 103 -45.74 -1.87 4.66
CA SER A 103 -45.15 -0.52 4.64
C SER A 103 -44.81 -0.14 3.21
N ALA A 104 -44.63 1.17 2.97
CA ALA A 104 -44.00 1.60 1.70
C ALA A 104 -42.53 1.11 1.78
N PRO A 105 -41.88 0.91 0.62
CA PRO A 105 -40.49 0.41 0.57
C PRO A 105 -39.47 1.49 0.98
N VAL A 106 -38.37 1.09 1.61
CA VAL A 106 -37.32 2.05 1.94
C VAL A 106 -36.00 1.31 1.72
N GLU A 107 -34.99 2.04 1.25
CA GLU A 107 -33.72 1.44 0.93
C GLU A 107 -32.99 1.12 2.22
N ILE A 108 -32.55 -0.11 2.36
CA ILE A 108 -31.69 -0.48 3.50
C ILE A 108 -30.28 -0.80 2.98
N THR A 109 -29.25 -0.55 3.77
CA THR A 109 -27.85 -0.79 3.32
C THR A 109 -27.24 -1.89 4.17
N ILE A 110 -26.71 -2.92 3.52
CA ILE A 110 -25.86 -3.90 4.26
C ILE A 110 -24.38 -3.80 3.75
N ALA A 111 -23.53 -3.10 4.47
CA ALA A 111 -22.12 -2.96 4.08
C ALA A 111 -21.36 -4.30 4.05
N ASP A 112 -20.50 -4.47 3.04
CA ASP A 112 -19.50 -5.54 3.16
C ASP A 112 -18.19 -4.96 2.60
N THR A 113 -17.10 -5.62 2.94
CA THR A 113 -15.75 -5.05 2.71
C THR A 113 -15.21 -5.20 1.27
N ASP A 114 -16.05 -5.71 0.37
CA ASP A 114 -15.74 -5.70 -1.06
C ASP A 114 -16.34 -4.43 -1.69
N GLY A 115 -17.13 -3.68 -0.94
CA GLY A 115 -17.65 -2.41 -1.44
C GLY A 115 -18.88 -2.57 -2.34
N SER A 116 -19.54 -3.72 -2.22
CA SER A 116 -20.79 -4.04 -2.95
C SER A 116 -21.97 -3.14 -2.58
N HIS A 117 -21.88 -2.41 -1.49
CA HIS A 117 -22.94 -1.47 -1.18
C HIS A 117 -22.62 -0.02 -1.65
N LEU A 118 -21.48 0.19 -2.37
CA LEU A 118 -20.95 1.55 -2.64
C LEU A 118 -21.00 1.91 -4.13
N LYS A 119 -21.26 3.18 -4.44
CA LYS A 119 -21.06 3.71 -5.81
C LYS A 119 -19.57 3.82 -6.15
N PRO A 120 -19.22 3.74 -7.45
CA PRO A 120 -17.79 4.03 -7.86
C PRO A 120 -17.29 5.31 -7.27
N LEU A 121 -16.04 5.33 -6.81
CA LEU A 121 -15.45 6.54 -6.26
C LEU A 121 -15.36 7.67 -7.24
N THR A 122 -15.66 8.88 -6.76
CA THR A 122 -15.39 10.13 -7.53
C THR A 122 -13.93 10.56 -7.40
N MET A 123 -13.23 10.75 -8.52
CA MET A 123 -11.76 11.01 -8.48
C MET A 123 -11.49 12.50 -8.46
N ASN A 124 -10.33 12.92 -7.90
CA ASN A 124 -9.89 14.29 -7.92
C ASN A 124 -8.37 14.26 -8.11
N VAL A 125 -7.99 13.91 -9.33
CA VAL A 125 -6.61 13.69 -9.76
C VAL A 125 -6.05 14.96 -10.44
N ASP A 126 -4.82 15.33 -10.06
CA ASP A 126 -4.11 16.43 -10.72
C ASP A 126 -4.07 16.15 -12.25
N PRO A 127 -4.55 17.11 -13.10
CA PRO A 127 -4.60 16.93 -14.55
C PRO A 127 -3.21 16.88 -15.24
N ASN A 128 -2.14 17.18 -14.53
CA ASN A 128 -0.77 16.94 -15.04
C ASN A 128 -0.55 15.42 -15.34
N ASN A 129 -1.28 14.53 -14.65
CA ASN A 129 -1.28 13.11 -15.06
C ASN A 129 -2.01 12.89 -16.40
N LYS A 130 -1.30 12.52 -17.46
CA LYS A 130 -1.93 12.36 -18.78
C LYS A 130 -2.59 10.98 -19.00
N SER A 131 -3.39 10.80 -20.07
CA SER A 131 -3.96 9.46 -20.39
C SER A 131 -3.13 8.74 -21.41
N TYR A 132 -3.03 7.46 -21.22
CA TYR A 132 -2.20 6.66 -22.07
C TYR A 132 -2.97 5.41 -22.45
N ASN A 133 -2.47 4.73 -23.47
CA ASN A 133 -3.10 3.53 -24.01
C ASN A 133 -2.13 2.39 -23.91
N THR A 134 -1.64 2.16 -22.70
CA THR A 134 -0.52 1.27 -22.52
C THR A 134 -1.15 -0.11 -22.50
N ASP A 135 -0.48 -1.06 -23.11
CA ASP A 135 -0.89 -2.48 -23.10
C ASP A 135 -1.23 -2.91 -21.66
N PRO A 136 -2.45 -3.43 -21.46
CA PRO A 136 -2.82 -3.73 -20.10
C PRO A 136 -2.07 -4.95 -19.55
N SER A 137 -1.21 -5.62 -20.34
CA SER A 137 -0.50 -6.78 -19.75
C SER A 137 0.76 -6.33 -19.00
N ILE A 138 1.14 -5.06 -19.19
CA ILE A 138 2.37 -4.54 -18.62
C ILE A 138 2.10 -4.08 -17.17
N VAL A 139 2.94 -4.46 -16.20
CA VAL A 139 2.69 -4.01 -14.81
C VAL A 139 3.03 -2.54 -14.70
N MET A 140 2.15 -1.76 -14.09
CA MET A 140 2.45 -0.35 -13.78
C MET A 140 2.02 -0.16 -12.30
N GLY A 141 2.93 -0.35 -11.35
CA GLY A 141 2.55 -0.33 -9.95
C GLY A 141 2.96 0.90 -9.17
N THR A 142 2.33 1.12 -8.01
CA THR A 142 2.77 2.17 -7.06
C THR A 142 2.39 1.80 -5.62
N TYR A 143 3.09 2.37 -4.65
CA TYR A 143 2.69 2.31 -3.26
C TYR A 143 1.94 3.57 -2.87
N PHE A 144 0.85 3.36 -2.17
CA PHE A 144 0.09 4.39 -1.50
C PHE A 144 0.30 4.10 -0.01
N VAL A 145 0.66 5.15 0.73
CA VAL A 145 0.95 5.01 2.13
C VAL A 145 -0.18 5.51 3.03
N GLU A 146 -0.46 4.74 4.08
CA GLU A 146 -1.57 4.98 5.01
C GLU A 146 -1.46 6.39 5.65
N TRP A 147 -0.24 6.76 6.04
CA TRP A 147 -0.03 8.08 6.68
C TRP A 147 0.02 9.29 5.74
N GLY A 148 -0.11 9.09 4.43
CA GLY A 148 -0.04 10.20 3.42
C GLY A 148 -1.24 11.16 3.54
N ILE A 149 -2.24 10.72 4.29
CA ILE A 149 -3.48 11.53 4.50
C ILE A 149 -3.32 12.66 5.53
N TYR A 150 -2.19 12.68 6.25
CA TYR A 150 -1.96 13.71 7.28
C TYR A 150 -1.27 14.94 6.68
N GLY A 151 -0.03 15.22 7.06
CA GLY A 151 0.66 16.39 6.48
C GLY A 151 0.73 16.41 4.94
N ARG A 152 0.99 15.25 4.31
CA ARG A 152 1.13 15.18 2.86
C ARG A 152 -0.21 15.45 2.17
N ASP A 153 -1.32 15.31 2.91
CA ASP A 153 -2.67 15.58 2.43
C ASP A 153 -3.05 14.88 1.07
N TYR A 154 -2.67 13.62 0.94
CA TYR A 154 -2.84 12.90 -0.28
C TYR A 154 -3.76 11.70 -0.01
N THR A 155 -4.95 11.76 -0.61
CA THR A 155 -5.98 10.76 -0.33
C THR A 155 -6.23 9.83 -1.53
N VAL A 156 -6.91 8.72 -1.26
CA VAL A 156 -7.12 7.68 -2.25
C VAL A 156 -7.72 8.22 -3.58
N ASP A 157 -8.66 9.16 -3.46
CA ASP A 157 -9.26 9.82 -4.67
C ASP A 157 -8.27 10.66 -5.50
N ASN A 158 -7.10 10.98 -4.93
CA ASN A 158 -6.09 11.74 -5.69
C ASN A 158 -5.24 10.84 -6.64
N MET A 159 -5.28 9.51 -6.46
CA MET A 159 -4.45 8.60 -7.30
C MET A 159 -4.88 8.54 -8.76
N PRO A 160 -3.89 8.56 -9.67
CA PRO A 160 -4.16 8.51 -11.09
C PRO A 160 -4.44 7.05 -11.46
N VAL A 161 -5.54 6.49 -10.95
CA VAL A 161 -5.77 5.06 -11.02
C VAL A 161 -5.89 4.53 -12.44
N ASP A 162 -6.24 5.37 -13.44
CA ASP A 162 -6.36 4.75 -14.77
C ASP A 162 -4.98 4.50 -15.37
N ASN A 163 -3.95 5.04 -14.73
CA ASN A 163 -2.57 4.77 -15.15
C ASN A 163 -1.86 3.71 -14.30
N LEU A 164 -2.62 2.88 -13.59
CA LEU A 164 -2.05 1.93 -12.62
C LEU A 164 -2.66 0.57 -12.83
N THR A 165 -1.88 -0.50 -12.65
CA THR A 165 -2.47 -1.83 -12.63
C THR A 165 -2.52 -2.44 -11.18
N HIS A 166 -1.64 -1.93 -10.32
CA HIS A 166 -1.45 -2.47 -8.95
C HIS A 166 -1.20 -1.29 -8.00
N ILE A 167 -1.96 -1.25 -6.91
CA ILE A 167 -1.77 -0.33 -5.77
CA ILE A 167 -1.65 -0.33 -5.81
C ILE A 167 -1.24 -1.20 -4.61
N LEU A 168 -0.06 -0.94 -4.11
CA LEU A 168 0.44 -1.65 -2.93
C LEU A 168 0.15 -0.71 -1.74
N TYR A 169 -0.59 -1.19 -0.75
CA TYR A 169 -0.93 -0.31 0.41
C TYR A 169 0.05 -0.53 1.57
N GLY A 170 0.85 0.50 1.81
CA GLY A 170 1.89 0.46 2.86
C GLY A 170 1.45 1.17 4.16
N PHE A 171 1.71 0.56 5.33
CA PHE A 171 2.22 -0.82 5.53
C PHE A 171 1.42 -1.46 6.68
N ILE A 172 1.29 -2.78 6.58
CA ILE A 172 0.61 -3.60 7.58
C ILE A 172 1.72 -4.15 8.51
N PRO A 173 1.69 -3.78 9.81
CA PRO A 173 2.71 -4.34 10.72
C PRO A 173 2.36 -5.75 11.23
N ILE A 174 3.31 -6.38 11.90
CA ILE A 174 3.12 -7.70 12.49
C ILE A 174 3.38 -7.56 14.05
N CYS A 175 2.49 -8.07 14.90
CA CYS A 175 2.75 -7.98 16.38
C CYS A 175 3.92 -8.78 16.79
N GLY A 176 4.65 -8.34 17.80
CA GLY A 176 5.83 -9.09 18.25
C GLY A 176 6.98 -8.14 18.49
N PRO A 177 8.23 -8.63 18.41
CA PRO A 177 9.40 -7.75 18.57
C PRO A 177 9.35 -6.66 17.49
N ASN A 178 9.44 -5.39 17.89
CA ASN A 178 9.35 -4.26 16.93
C ASN A 178 10.21 -3.12 17.45
N GLU A 179 11.37 -3.47 17.99
CA GLU A 179 12.32 -2.42 18.49
C GLU A 179 12.68 -1.37 17.41
N SER A 180 12.79 -1.79 16.14
CA SER A 180 13.09 -0.82 15.06
C SER A 180 12.06 0.29 14.90
N VAL A 181 10.78 -0.05 15.13
CA VAL A 181 9.71 0.92 15.12
C VAL A 181 9.91 1.98 16.24
N LYS A 182 10.32 1.52 17.42
CA LYS A 182 10.58 2.43 18.54
C LYS A 182 11.61 3.49 18.14
N SER A 183 12.62 3.06 17.41
CA SER A 183 13.77 3.92 17.06
C SER A 183 13.41 5.02 16.17
N VAL A 184 12.26 4.93 15.52
CA VAL A 184 11.83 6.01 14.62
C VAL A 184 11.27 7.20 15.41
N GLY A 185 11.06 7.04 16.71
CA GLY A 185 10.45 8.15 17.47
C GLY A 185 8.99 8.40 17.08
N GLY A 186 8.43 9.51 17.54
CA GLY A 186 7.00 9.78 17.30
C GLY A 186 6.05 8.76 17.97
N ASN A 187 4.87 8.55 17.37
CA ASN A 187 3.84 7.75 18.03
C ASN A 187 3.74 6.36 17.44
N SER A 188 4.58 6.08 16.43
CA SER A 188 4.40 4.85 15.64
C SER A 188 4.49 3.55 16.51
N PHE A 189 5.48 3.48 17.39
CA PHE A 189 5.57 2.31 18.32
C PHE A 189 4.39 2.20 19.32
N ASN A 190 4.04 3.31 19.96
CA ASN A 190 2.90 3.35 20.87
C ASN A 190 1.56 2.89 20.14
N ALA A 191 1.36 3.37 18.90
CA ALA A 191 0.18 2.99 18.10
C ALA A 191 0.18 1.47 17.88
N LEU A 192 1.36 0.91 17.52
CA LEU A 192 1.52 -0.52 17.38
C LEU A 192 1.29 -1.28 18.68
N GLN A 193 1.84 -0.82 19.79
CA GLN A 193 1.63 -1.52 21.06
C GLN A 193 0.12 -1.63 21.39
N THR A 194 -0.61 -0.51 21.17
CA THR A 194 -2.08 -0.47 21.37
C THR A 194 -2.79 -1.49 20.48
N ALA A 195 -2.52 -1.42 19.16
CA ALA A 195 -3.12 -2.34 18.20
C ALA A 195 -2.82 -3.81 18.55
N CYS A 196 -1.71 -4.08 19.21
CA CYS A 196 -1.41 -5.49 19.49
C CYS A 196 -1.91 -5.96 20.90
N ARG A 197 -2.49 -5.09 21.73
CA ARG A 197 -3.05 -5.59 23.01
C ARG A 197 -4.14 -6.63 22.83
N GLY A 198 -4.00 -7.80 23.45
CA GLY A 198 -4.96 -8.85 23.23
C GLY A 198 -4.76 -9.57 21.90
N VAL A 199 -3.66 -9.29 21.16
CA VAL A 199 -3.43 -10.02 19.88
C VAL A 199 -2.24 -10.98 20.04
N ASN A 200 -2.28 -12.20 19.49
CA ASN A 200 -1.07 -13.08 19.54
C ASN A 200 0.11 -12.45 18.79
N ASP A 201 1.34 -12.62 19.28
CA ASP A 201 2.57 -12.28 18.49
C ASP A 201 2.54 -12.95 17.12
N TYR A 202 3.13 -12.29 16.12
CA TYR A 202 3.20 -12.81 14.74
C TYR A 202 1.88 -12.76 13.97
N GLU A 203 0.86 -12.11 14.53
CA GLU A 203 -0.31 -11.94 13.73
C GLU A 203 -0.28 -10.50 13.14
N VAL A 204 -0.86 -10.30 11.98
CA VAL A 204 -1.02 -8.93 11.42
C VAL A 204 -2.11 -8.08 12.08
N VAL A 205 -1.87 -6.77 12.14
CA VAL A 205 -2.90 -5.83 12.58
C VAL A 205 -2.91 -4.59 11.72
N ILE A 206 -3.97 -3.76 11.82
CA ILE A 206 -3.95 -2.42 11.21
C ILE A 206 -3.19 -1.48 12.16
N HIS A 207 -2.23 -0.74 11.58
CA HIS A 207 -1.35 0.15 12.37
C HIS A 207 -2.12 1.38 12.88
N ASP A 208 -2.90 1.99 11.99
CA ASP A 208 -3.59 3.29 12.29
C ASP A 208 -5.08 3.13 11.86
N PRO A 209 -5.95 2.73 12.78
CA PRO A 209 -7.34 2.51 12.41
C PRO A 209 -8.10 3.78 12.15
N TRP A 210 -7.58 4.90 12.61
CA TRP A 210 -8.22 6.17 12.24
C TRP A 210 -8.09 6.41 10.73
N ALA A 211 -6.85 6.29 10.19
CA ALA A 211 -6.63 6.43 8.74
C ALA A 211 -7.31 5.30 7.96
N ALA A 212 -7.37 4.09 8.49
CA ALA A 212 -7.77 2.94 7.69
C ALA A 212 -9.28 2.92 7.53
N TYR A 213 -9.98 3.17 8.64
CA TYR A 213 -11.45 2.95 8.59
C TYR A 213 -12.34 3.85 9.42
N GLN A 214 -11.77 4.79 10.17
CA GLN A 214 -12.60 5.67 11.04
C GLN A 214 -12.78 7.06 10.49
N LYS A 215 -11.73 7.62 9.87
CA LYS A 215 -11.78 9.00 9.38
C LYS A 215 -12.85 9.23 8.32
N SER A 216 -13.75 10.20 8.60
CA SER A 216 -14.80 10.55 7.65
C SER A 216 -14.29 11.42 6.47
N PHE A 217 -14.39 10.93 5.24
CA PHE A 217 -13.94 11.70 4.07
C PHE A 217 -15.16 12.25 3.32
N PRO A 218 -15.32 13.59 3.32
CA PRO A 218 -16.43 14.32 2.63
C PRO A 218 -16.53 13.95 1.17
N GLN A 219 -15.38 14.01 0.45
CA GLN A 219 -15.35 13.64 -0.98
C GLN A 219 -15.91 12.24 -1.23
N ALA A 220 -15.95 11.37 -0.23
CA ALA A 220 -16.47 10.01 -0.50
C ALA A 220 -17.88 9.89 0.01
N GLY A 221 -18.42 10.99 0.53
CA GLY A 221 -19.83 11.04 0.98
C GLY A 221 -20.05 10.33 2.32
N HIS A 222 -18.98 10.12 3.11
CA HIS A 222 -19.10 9.47 4.40
C HIS A 222 -19.98 10.34 5.31
N GLU A 223 -20.89 9.72 6.06
CA GLU A 223 -21.74 10.44 7.04
C GLU A 223 -21.60 9.70 8.37
N TYR A 224 -22.14 10.28 9.43
CA TYR A 224 -21.97 9.69 10.76
C TYR A 224 -22.29 8.20 10.84
N SER A 225 -23.38 7.75 10.18
CA SER A 225 -23.80 6.34 10.29
CA SER A 225 -23.79 6.34 10.28
C SER A 225 -23.10 5.35 9.34
N THR A 226 -22.24 5.88 8.44
CA THR A 226 -21.57 5.01 7.45
C THR A 226 -20.76 3.96 8.21
N PRO A 227 -20.96 2.69 7.90
CA PRO A 227 -20.39 1.68 8.79
C PRO A 227 -18.89 1.43 8.54
N ILE A 228 -18.39 1.88 7.39
CA ILE A 228 -16.97 1.76 7.06
C ILE A 228 -16.54 3.09 6.51
N LYS A 229 -15.51 3.72 7.08
CA LYS A 229 -15.05 5.00 6.52
C LYS A 229 -13.54 4.86 6.19
N GLY A 230 -12.78 5.94 6.32
CA GLY A 230 -11.29 5.90 6.16
C GLY A 230 -10.79 5.55 4.75
N ASN A 231 -9.49 5.34 4.64
CA ASN A 231 -8.87 4.86 3.40
C ASN A 231 -9.50 3.63 2.84
N TYR A 232 -9.79 2.65 3.72
CA TYR A 232 -10.32 1.36 3.28
C TYR A 232 -11.71 1.45 2.61
N ALA A 233 -12.64 2.27 3.15
CA ALA A 233 -13.94 2.48 2.43
C ALA A 233 -13.68 3.09 1.02
N MET A 234 -12.69 3.98 0.92
CA MET A 234 -12.40 4.67 -0.35
C MET A 234 -11.80 3.68 -1.36
N LEU A 235 -10.96 2.75 -0.84
CA LEU A 235 -10.36 1.70 -1.73
C LEU A 235 -11.49 0.73 -2.18
N MET A 236 -12.42 0.46 -1.29
CA MET A 236 -13.60 -0.34 -1.69
C MET A 236 -14.41 0.35 -2.84
N ALA A 237 -14.69 1.65 -2.72
CA ALA A 237 -15.41 2.39 -3.78
C ALA A 237 -14.55 2.50 -5.05
N LEU A 238 -13.22 2.59 -4.86
CA LEU A 238 -12.28 2.49 -5.99
C LEU A 238 -12.38 1.17 -6.77
N LYS A 239 -12.46 0.03 -6.09
CA LYS A 239 -12.68 -1.24 -6.77
CA LYS A 239 -12.68 -1.26 -6.76
C LYS A 239 -13.98 -1.31 -7.57
N GLN A 240 -15.00 -0.52 -7.20
CA GLN A 240 -16.25 -0.48 -7.99
C GLN A 240 -16.02 0.32 -9.26
N ARG A 241 -15.22 1.38 -9.18
CA ARG A 241 -14.82 2.13 -10.36
C ARG A 241 -13.88 1.35 -11.29
N ASN A 242 -12.87 0.66 -10.73
CA ASN A 242 -11.84 -0.05 -11.51
C ASN A 242 -11.72 -1.50 -11.08
N PRO A 243 -12.68 -2.35 -11.51
CA PRO A 243 -12.68 -3.75 -11.01
C PRO A 243 -11.41 -4.56 -11.36
N ASP A 244 -10.66 -4.18 -12.38
CA ASP A 244 -9.44 -4.95 -12.71
C ASP A 244 -8.16 -4.47 -12.05
N LEU A 245 -8.28 -3.38 -11.29
CA LEU A 245 -7.14 -2.83 -10.56
C LEU A 245 -6.86 -3.79 -9.39
N LYS A 246 -5.61 -4.22 -9.21
CA LYS A 246 -5.28 -5.03 -8.02
C LYS A 246 -4.85 -4.09 -6.86
N ILE A 247 -5.41 -4.35 -5.68
CA ILE A 247 -5.09 -3.59 -4.53
C ILE A 247 -4.56 -4.64 -3.53
N ILE A 248 -3.31 -4.44 -3.07
CA ILE A 248 -2.60 -5.52 -2.28
C ILE A 248 -1.99 -4.94 -1.03
N PRO A 249 -2.25 -5.52 0.18
CA PRO A 249 -1.61 -4.94 1.40
C PRO A 249 -0.12 -5.30 1.40
N SER A 250 0.72 -4.36 1.73
CA SER A 250 2.15 -4.64 1.87
C SER A 250 2.51 -4.80 3.32
N ILE A 251 2.97 -5.99 3.65
CA ILE A 251 3.22 -6.36 5.03
C ILE A 251 4.73 -6.10 5.35
N GLY A 252 5.01 -5.35 6.42
CA GLY A 252 6.42 -5.08 6.80
C GLY A 252 6.95 -3.73 6.27
N GLY A 253 8.05 -3.74 5.52
CA GLY A 253 8.76 -2.51 5.10
C GLY A 253 10.00 -2.33 5.96
N GLY A 254 10.74 -1.23 5.75
CA GLY A 254 12.03 -1.03 6.43
C GLY A 254 11.92 -1.05 7.96
N THR A 255 10.98 -0.31 8.51
CA THR A 255 10.92 -0.29 9.97
C THR A 255 10.06 -1.35 10.68
N LEU A 256 9.17 -2.01 9.94
CA LEU A 256 8.22 -3.01 10.49
C LEU A 256 8.67 -4.46 10.18
N SER A 257 9.94 -4.67 9.85
CA SER A 257 10.41 -6.01 9.48
C SER A 257 10.94 -6.90 10.65
N ASP A 258 11.04 -6.37 11.87
CA ASP A 258 11.67 -7.12 12.96
C ASP A 258 11.06 -8.53 13.17
N PRO A 259 9.70 -8.67 13.21
CA PRO A 259 9.14 -10.01 13.46
C PRO A 259 9.53 -11.08 12.46
N PHE A 260 9.86 -10.69 11.21
CA PHE A 260 10.15 -11.71 10.18
C PHE A 260 11.37 -12.54 10.58
N TYR A 261 12.32 -11.94 11.31
CA TYR A 261 13.50 -12.74 11.71
C TYR A 261 13.17 -13.93 12.61
N ASP A 262 11.96 -13.99 13.13
CA ASP A 262 11.56 -15.19 13.93
C ASP A 262 10.83 -16.19 13.06
N PHE A 263 10.78 -15.94 11.75
CA PHE A 263 10.03 -16.87 10.93
C PHE A 263 10.88 -18.09 10.64
N VAL A 264 12.13 -18.14 11.11
CA VAL A 264 12.81 -19.45 11.06
C VAL A 264 12.09 -20.54 11.94
N ASP A 265 11.26 -20.13 12.92
CA ASP A 265 10.40 -21.09 13.67
C ASP A 265 9.07 -21.21 12.92
N LYS A 266 8.77 -22.40 12.42
CA LYS A 266 7.58 -22.63 11.65
C LYS A 266 6.26 -22.30 12.42
N LYS A 267 6.20 -22.53 13.74
CA LYS A 267 4.99 -22.13 14.47
C LYS A 267 4.64 -20.64 14.23
N ASN A 268 5.64 -19.78 14.24
CA ASN A 268 5.42 -18.33 13.95
C ASN A 268 4.97 -18.07 12.51
N ARG A 269 5.52 -18.78 11.53
CA ARG A 269 4.93 -18.69 10.16
C ARG A 269 3.47 -19.13 10.13
N ASP A 270 3.17 -20.24 10.82
CA ASP A 270 1.78 -20.76 10.76
C ASP A 270 0.82 -19.70 11.34
N THR A 271 1.15 -19.19 12.54
CA THR A 271 0.37 -18.10 13.14
C THR A 271 0.18 -16.93 12.16
N PHE A 272 1.25 -16.52 11.51
CA PHE A 272 1.19 -15.39 10.58
C PHE A 272 0.34 -15.70 9.35
N VAL A 273 0.61 -16.82 8.67
CA VAL A 273 -0.17 -17.22 7.51
C VAL A 273 -1.66 -17.32 7.83
N ALA A 274 -1.99 -17.95 8.95
CA ALA A 274 -3.42 -17.99 9.37
C ALA A 274 -4.00 -16.55 9.55
N SER A 275 -3.26 -15.63 10.18
CA SER A 275 -3.79 -14.26 10.41
C SER A 275 -3.94 -13.49 9.08
N VAL A 276 -3.07 -13.77 8.12
CA VAL A 276 -3.24 -13.16 6.78
C VAL A 276 -4.52 -13.69 6.05
N LYS A 277 -4.74 -15.00 6.14
CA LYS A 277 -6.05 -15.56 5.60
C LYS A 277 -7.28 -14.84 6.23
N LYS A 278 -7.32 -14.78 7.55
CA LYS A 278 -8.41 -14.06 8.24
C LYS A 278 -8.53 -12.58 7.83
N PHE A 279 -7.37 -11.91 7.71
CA PHE A 279 -7.32 -10.52 7.25
C PHE A 279 -7.94 -10.36 5.83
N LEU A 280 -7.60 -11.25 4.89
CA LEU A 280 -8.24 -11.14 3.57
C LEU A 280 -9.74 -11.56 3.54
N LYS A 281 -10.14 -12.46 4.43
CA LYS A 281 -11.58 -12.76 4.54
C LYS A 281 -12.35 -11.63 5.26
N THR A 282 -11.64 -10.85 6.09
CA THR A 282 -12.22 -9.62 6.70
C THR A 282 -12.29 -8.42 5.75
N TRP A 283 -11.21 -8.18 4.98
CA TRP A 283 -11.15 -6.97 4.13
C TRP A 283 -11.08 -7.45 2.69
N LYS A 284 -12.25 -7.74 2.10
CA LYS A 284 -12.35 -8.40 0.81
C LYS A 284 -11.97 -7.53 -0.41
N PHE A 285 -11.80 -6.22 -0.26
CA PHE A 285 -11.33 -5.43 -1.42
C PHE A 285 -9.85 -5.81 -1.81
N TYR A 286 -9.08 -6.41 -0.88
CA TYR A 286 -7.70 -6.77 -1.15
C TYR A 286 -7.57 -8.04 -2.02
N ASP A 287 -6.62 -8.03 -2.95
CA ASP A 287 -6.50 -9.06 -3.99
C ASP A 287 -5.28 -9.95 -3.86
N GLY A 288 -4.62 -9.94 -2.69
CA GLY A 288 -3.45 -10.78 -2.53
C GLY A 288 -2.64 -10.33 -1.31
N VAL A 289 -1.34 -10.62 -1.32
CA VAL A 289 -0.47 -10.17 -0.25
C VAL A 289 0.91 -9.85 -0.84
N ASP A 290 1.50 -8.76 -0.39
CA ASP A 290 2.88 -8.38 -0.69
C ASP A 290 3.74 -8.43 0.61
N ILE A 291 4.88 -9.13 0.51
CA ILE A 291 5.72 -9.35 1.64
C ILE A 291 6.96 -8.49 1.43
N ASP A 292 7.11 -7.49 2.29
CA ASP A 292 8.27 -6.63 2.22
C ASP A 292 9.19 -6.86 3.42
N TRP A 293 9.89 -8.00 3.43
CA TRP A 293 10.87 -8.27 4.50
C TRP A 293 12.21 -7.62 4.16
N GLU A 294 12.58 -6.62 4.96
CA GLU A 294 13.83 -5.91 4.71
CA GLU A 294 13.83 -5.97 4.65
C GLU A 294 14.75 -6.19 5.88
N PHE A 295 15.58 -7.26 5.84
CA PHE A 295 15.87 -8.13 4.65
C PHE A 295 16.26 -9.51 5.21
N PRO A 296 15.94 -10.60 4.49
CA PRO A 296 16.52 -11.89 4.86
C PRO A 296 18.06 -11.78 4.91
N GLY A 297 18.66 -12.32 5.97
CA GLY A 297 20.10 -12.24 6.15
C GLY A 297 20.54 -11.04 6.93
N GLY A 298 19.64 -10.06 7.09
CA GLY A 298 19.94 -8.85 7.82
C GLY A 298 20.43 -7.66 6.99
N GLY A 299 21.17 -6.78 7.64
CA GLY A 299 21.59 -5.57 6.96
C GLY A 299 20.51 -4.51 6.79
N GLY A 300 19.40 -4.58 7.55
CA GLY A 300 18.35 -3.57 7.52
C GLY A 300 18.32 -2.75 8.81
N ALA A 301 17.13 -2.29 9.23
CA ALA A 301 16.99 -1.42 10.42
C ALA A 301 17.37 -2.08 11.74
N ALA A 302 17.27 -3.39 11.80
CA ALA A 302 17.51 -4.14 13.03
C ALA A 302 19.00 -4.59 13.01
N ALA A 303 19.87 -3.79 13.64
CA ALA A 303 21.33 -4.08 13.65
C ALA A 303 21.69 -5.44 14.25
N ASP A 304 20.93 -5.91 15.21
CA ASP A 304 21.25 -7.14 15.90
C ASP A 304 20.52 -8.37 15.34
N LYS A 305 19.92 -8.28 14.16
CA LYS A 305 19.16 -9.42 13.60
C LYS A 305 19.55 -9.72 12.17
N GLY A 306 19.20 -10.92 11.69
CA GLY A 306 19.64 -11.40 10.38
C GLY A 306 20.41 -12.73 10.48
N ASP A 307 19.97 -13.71 9.71
CA ASP A 307 20.55 -15.05 9.75
C ASP A 307 20.75 -15.45 8.28
N PRO A 308 21.96 -15.24 7.75
CA PRO A 308 22.27 -15.54 6.35
C PRO A 308 22.20 -17.03 6.04
N VAL A 309 22.25 -17.93 7.04
CA VAL A 309 22.06 -19.42 6.74
C VAL A 309 20.59 -19.81 6.61
N ASN A 310 19.78 -19.37 7.56
CA ASN A 310 18.39 -19.79 7.64
C ASN A 310 17.30 -18.82 7.14
N ASP A 311 17.59 -17.52 6.96
CA ASP A 311 16.50 -16.60 6.63
C ASP A 311 15.97 -16.88 5.20
N GLY A 312 16.87 -17.14 4.25
CA GLY A 312 16.45 -17.48 2.88
C GLY A 312 15.57 -18.72 2.79
N PRO A 313 15.99 -19.83 3.42
CA PRO A 313 15.09 -20.96 3.41
C PRO A 313 13.72 -20.65 4.09
N ALA A 314 13.73 -19.85 5.17
CA ALA A 314 12.49 -19.42 5.84
C ALA A 314 11.58 -18.56 4.96
N TYR A 315 12.20 -17.65 4.19
CA TYR A 315 11.47 -16.83 3.22
C TYR A 315 10.83 -17.69 2.14
N ILE A 316 11.55 -18.70 1.66
CA ILE A 316 10.98 -19.54 0.57
C ILE A 316 9.80 -20.38 1.11
N ALA A 317 10.00 -20.94 2.31
CA ALA A 317 8.96 -21.74 2.99
C ALA A 317 7.73 -20.86 3.26
N LEU A 318 7.98 -19.59 3.64
CA LEU A 318 6.90 -18.60 3.83
C LEU A 318 6.16 -18.40 2.56
N MET A 319 6.89 -18.28 1.43
CA MET A 319 6.19 -18.07 0.15
C MET A 319 5.41 -19.27 -0.21
N ARG A 320 5.98 -20.47 -0.03
CA ARG A 320 5.22 -21.71 -0.31
C ARG A 320 3.91 -21.75 0.52
N GLU A 321 3.99 -21.45 1.81
CA GLU A 321 2.87 -21.60 2.73
C GLU A 321 1.78 -20.55 2.47
N LEU A 322 2.18 -19.33 2.15
CA LEU A 322 1.20 -18.28 1.76
C LEU A 322 0.47 -18.69 0.46
N ARG A 323 1.21 -19.27 -0.50
CA ARG A 323 0.56 -19.71 -1.78
C ARG A 323 -0.46 -20.82 -1.55
N VAL A 324 -0.12 -21.80 -0.71
CA VAL A 324 -1.09 -22.82 -0.22
C VAL A 324 -2.34 -22.16 0.34
N MET A 325 -2.12 -21.17 1.20
CA MET A 325 -3.24 -20.52 1.85
C MET A 325 -4.06 -19.74 0.82
N LEU A 326 -3.39 -19.03 -0.08
CA LEU A 326 -4.09 -18.27 -1.11
C LEU A 326 -4.88 -19.15 -2.09
N ASP A 327 -4.35 -20.33 -2.40
CA ASP A 327 -5.10 -21.31 -3.16
C ASP A 327 -6.38 -21.72 -2.41
N GLU A 328 -6.34 -21.84 -1.08
CA GLU A 328 -7.59 -22.13 -0.34
C GLU A 328 -8.58 -21.01 -0.60
N LEU A 329 -8.09 -19.77 -0.58
CA LEU A 329 -8.98 -18.63 -0.75
C LEU A 329 -9.56 -18.55 -2.15
N GLU A 330 -8.72 -18.89 -3.14
CA GLU A 330 -9.19 -18.91 -4.51
C GLU A 330 -10.32 -19.95 -4.68
N ALA A 331 -10.16 -21.10 -4.02
CA ALA A 331 -11.18 -22.15 -4.05
C ALA A 331 -12.46 -21.66 -3.37
N GLU A 332 -12.35 -20.97 -2.23
CA GLU A 332 -13.53 -20.55 -1.48
C GLU A 332 -14.30 -19.44 -2.18
N THR A 333 -13.67 -18.63 -3.01
CA THR A 333 -14.28 -17.40 -3.49
C THR A 333 -14.48 -17.34 -4.97
N GLY A 334 -13.79 -18.21 -5.73
CA GLY A 334 -13.73 -18.02 -7.18
C GLY A 334 -12.86 -16.90 -7.76
N ARG A 335 -12.07 -16.24 -6.89
CA ARG A 335 -11.25 -15.08 -7.32
C ARG A 335 -9.79 -15.51 -7.54
N THR A 336 -9.01 -14.68 -8.20
CA THR A 336 -7.54 -14.88 -8.31
C THR A 336 -6.89 -14.10 -7.21
N TYR A 337 -5.96 -14.73 -6.49
CA TYR A 337 -5.19 -13.94 -5.52
C TYR A 337 -3.73 -13.92 -5.93
N GLU A 338 -3.07 -12.78 -5.77
CA GLU A 338 -1.66 -12.63 -6.14
C GLU A 338 -0.72 -12.67 -4.92
N LEU A 339 0.48 -13.25 -5.13
CA LEU A 339 1.52 -13.22 -4.08
C LEU A 339 2.74 -12.50 -4.67
N THR A 340 3.22 -11.45 -3.98
CA THR A 340 4.33 -10.67 -4.49
C THR A 340 5.26 -10.34 -3.32
N SER A 341 6.39 -9.73 -3.63
CA SER A 341 7.30 -9.31 -2.60
C SER A 341 8.23 -8.21 -3.14
N ALA A 342 8.56 -7.22 -2.29
CA ALA A 342 9.50 -6.19 -2.65
C ALA A 342 10.84 -6.55 -1.97
N ILE A 343 11.95 -6.47 -2.72
CA ILE A 343 13.21 -7.06 -2.24
C ILE A 343 14.40 -6.17 -2.45
N GLY A 344 15.44 -6.34 -1.60
CA GLY A 344 16.68 -5.57 -1.77
C GLY A 344 17.43 -6.11 -2.99
N VAL A 345 18.13 -5.26 -3.75
CA VAL A 345 18.82 -5.84 -4.91
C VAL A 345 20.36 -5.57 -4.88
N GLY A 346 20.89 -5.09 -3.76
CA GLY A 346 22.39 -5.12 -3.59
C GLY A 346 22.86 -6.59 -3.66
N TYR A 347 24.07 -6.84 -4.15
CA TYR A 347 24.48 -8.25 -4.28
C TYR A 347 24.42 -8.98 -2.92
N ASP A 348 24.76 -8.30 -1.82
CA ASP A 348 24.80 -8.98 -0.49
C ASP A 348 23.38 -9.30 0.05
N LYS A 349 22.33 -8.65 -0.50
CA LYS A 349 20.91 -9.04 -0.19
C LYS A 349 20.48 -10.27 -1.01
N ILE A 350 20.78 -10.19 -2.30
CA ILE A 350 20.36 -11.25 -3.24
C ILE A 350 21.01 -12.60 -2.90
N GLU A 351 22.28 -12.58 -2.47
CA GLU A 351 23.04 -13.81 -2.26
C GLU A 351 22.47 -14.61 -1.08
N ASP A 352 21.67 -13.99 -0.23
CA ASP A 352 21.05 -14.73 0.90
C ASP A 352 19.75 -15.45 0.59
N VAL A 353 19.23 -15.30 -0.61
CA VAL A 353 17.98 -16.01 -0.94
C VAL A 353 18.07 -16.70 -2.30
N ASP A 354 17.61 -17.98 -2.39
CA ASP A 354 17.51 -18.59 -3.70
C ASP A 354 16.18 -18.10 -4.33
N TYR A 355 16.21 -16.97 -5.04
CA TYR A 355 14.96 -16.40 -5.60
C TYR A 355 14.36 -17.24 -6.69
N ALA A 356 15.19 -17.99 -7.37
CA ALA A 356 14.67 -18.86 -8.44
C ALA A 356 13.69 -19.90 -7.85
N ASP A 357 14.00 -20.36 -6.64
CA ASP A 357 13.14 -21.27 -5.90
C ASP A 357 11.89 -20.47 -5.40
N ALA A 358 12.12 -19.36 -4.68
CA ALA A 358 10.99 -18.59 -4.09
C ALA A 358 9.98 -18.15 -5.14
N VAL A 359 10.51 -17.72 -6.29
CA VAL A 359 9.63 -17.08 -7.26
C VAL A 359 8.65 -18.07 -7.91
N GLN A 360 8.89 -19.39 -7.79
CA GLN A 360 7.91 -20.32 -8.43
C GLN A 360 6.55 -20.16 -7.72
N TYR A 361 6.54 -19.67 -6.47
CA TYR A 361 5.30 -19.55 -5.74
C TYR A 361 4.59 -18.19 -5.95
N MET A 362 5.29 -17.28 -6.62
CA MET A 362 4.95 -15.84 -6.68
C MET A 362 4.48 -15.37 -8.01
N ASP A 363 3.70 -14.28 -8.05
CA ASP A 363 3.35 -13.64 -9.34
C ASP A 363 4.42 -12.61 -9.80
N TYR A 364 4.92 -11.83 -8.83
CA TYR A 364 5.90 -10.76 -9.13
C TYR A 364 6.87 -10.50 -8.01
N ILE A 365 8.04 -10.05 -8.39
CA ILE A 365 9.03 -9.52 -7.47
C ILE A 365 9.15 -8.03 -7.81
N PHE A 366 8.96 -7.18 -6.80
CA PHE A 366 9.13 -5.75 -7.05
C PHE A 366 10.58 -5.48 -6.64
N ALA A 367 11.48 -5.36 -7.63
CA ALA A 367 12.90 -5.08 -7.37
C ALA A 367 13.12 -3.63 -6.80
N MET A 368 13.54 -3.50 -5.53
CA MET A 368 13.78 -2.15 -4.97
CA MET A 368 13.79 -2.16 -4.95
C MET A 368 15.05 -1.51 -5.57
N THR A 369 14.92 -1.04 -6.80
CA THR A 369 16.12 -0.49 -7.54
C THR A 369 16.23 1.02 -7.26
N TYR A 370 16.39 1.33 -5.98
CA TYR A 370 16.50 2.69 -5.43
C TYR A 370 17.13 2.59 -4.03
N ASP A 371 17.43 3.74 -3.39
CA ASP A 371 18.11 3.73 -2.09
C ASP A 371 19.52 3.11 -2.14
N PHE A 372 20.22 3.19 -3.28
CA PHE A 372 21.56 2.61 -3.40
C PHE A 372 22.56 3.44 -2.62
N TYR A 373 22.28 4.75 -2.56
CA TYR A 373 23.13 5.69 -1.85
C TYR A 373 22.15 6.62 -1.14
N GLY A 374 22.65 7.33 -0.12
CA GLY A 374 21.70 8.11 0.73
C GLY A 374 22.37 8.82 1.90
N GLY A 375 21.57 9.60 2.60
CA GLY A 375 22.02 10.54 3.62
C GLY A 375 22.60 9.86 4.85
N TRP A 376 22.39 8.55 5.00
CA TRP A 376 22.87 7.83 6.16
C TRP A 376 24.41 7.86 6.24
N ASN A 377 25.12 8.18 5.14
CA ASN A 377 26.55 8.48 5.28
C ASN A 377 26.94 9.65 4.37
N ASN A 378 28.22 9.99 4.33
CA ASN A 378 28.59 11.17 3.57
C ASN A 378 29.19 10.86 2.20
N VAL A 379 28.88 9.66 1.66
CA VAL A 379 29.36 9.28 0.30
C VAL A 379 28.26 9.56 -0.75
N PRO A 380 28.44 10.56 -1.62
CA PRO A 380 27.45 10.72 -2.68
C PRO A 380 27.46 9.55 -3.69
N GLY A 381 26.34 9.34 -4.36
CA GLY A 381 26.26 8.39 -5.47
C GLY A 381 24.85 8.46 -6.02
N HIS A 382 24.58 7.76 -7.16
CA HIS A 382 23.22 7.78 -7.70
C HIS A 382 22.34 6.79 -6.98
N GLN A 383 21.24 7.25 -6.38
CA GLN A 383 20.46 6.30 -5.52
C GLN A 383 19.62 5.31 -6.35
N THR A 384 19.42 5.59 -7.64
CA THR A 384 18.44 4.82 -8.40
C THR A 384 18.86 4.62 -9.87
N ALA A 385 20.18 4.71 -10.11
CA ALA A 385 20.76 4.61 -11.47
C ALA A 385 20.55 3.21 -12.05
N LEU A 386 20.31 3.16 -13.34
CA LEU A 386 20.42 1.91 -14.12
C LEU A 386 21.84 1.25 -14.12
N TYR A 387 22.87 2.07 -14.45
CA TYR A 387 24.20 1.57 -14.70
C TYR A 387 25.24 2.29 -13.85
N CYS A 388 26.48 1.84 -13.94
CA CYS A 388 27.53 2.35 -13.07
C CYS A 388 27.88 3.78 -13.50
N GLY A 389 28.01 4.68 -12.51
CA GLY A 389 28.20 6.11 -12.78
C GLY A 389 29.66 6.45 -13.12
N SER A 390 29.86 7.55 -13.83
CA SER A 390 31.20 8.06 -14.10
C SER A 390 32.05 8.17 -12.82
N PHE A 391 31.41 8.33 -11.64
CA PHE A 391 32.14 8.63 -10.41
C PHE A 391 32.80 7.39 -9.87
N MET A 392 32.40 6.21 -10.34
CA MET A 392 32.91 4.98 -9.73
C MET A 392 34.37 4.69 -10.08
N ARG A 393 35.07 3.93 -9.25
CA ARG A 393 36.51 3.71 -9.49
C ARG A 393 36.74 2.52 -10.42
N PRO A 394 37.97 2.34 -10.93
CA PRO A 394 38.26 1.11 -11.73
C PRO A 394 37.93 -0.17 -10.97
N GLY A 395 37.17 -1.04 -11.60
CA GLY A 395 36.86 -2.34 -10.98
C GLY A 395 35.75 -2.26 -9.93
N GLN A 396 35.19 -1.06 -9.72
CA GLN A 396 34.13 -0.92 -8.74
C GLN A 396 32.78 -1.43 -9.28
N CYS A 397 32.48 -1.15 -10.55
CA CYS A 397 31.22 -1.61 -11.20
C CYS A 397 31.02 -3.13 -11.03
N ASP A 398 32.01 -3.93 -11.46
CA ASP A 398 31.83 -5.39 -11.33
C ASP A 398 32.39 -5.97 -10.01
N GLY A 399 32.98 -5.13 -9.17
CA GLY A 399 33.49 -5.60 -7.91
C GLY A 399 34.86 -6.28 -7.99
N GLY A 400 35.51 -6.20 -9.14
CA GLY A 400 36.86 -6.76 -9.35
C GLY A 400 38.04 -5.91 -8.90
N GLY A 401 37.79 -4.75 -8.26
CA GLY A 401 38.88 -3.79 -7.96
C GLY A 401 39.11 -3.57 -6.49
N VAL A 402 39.71 -2.42 -6.15
CA VAL A 402 39.98 -1.99 -4.76
C VAL A 402 39.43 -0.57 -4.45
N ASP A 403 39.02 -0.32 -3.20
CA ASP A 403 38.56 1.05 -2.87
C ASP A 403 39.72 1.99 -2.54
N GLU A 404 39.41 3.18 -2.03
CA GLU A 404 40.45 4.18 -1.66
C GLU A 404 41.35 3.79 -0.47
N ASN A 405 40.98 2.72 0.24
CA ASN A 405 41.86 2.09 1.24
C ASN A 405 42.87 1.14 0.60
N GLY A 406 42.58 0.69 -0.62
CA GLY A 406 43.28 -0.42 -1.25
C GLY A 406 42.57 -1.74 -0.99
N GLU A 407 41.43 -1.66 -0.29
CA GLU A 407 40.57 -2.79 0.07
C GLU A 407 39.71 -3.34 -1.08
N PRO A 408 39.88 -4.66 -1.42
CA PRO A 408 39.05 -5.29 -2.47
C PRO A 408 37.55 -4.98 -2.30
N TYR A 409 36.86 -4.69 -3.41
CA TYR A 409 35.40 -4.58 -3.34
C TYR A 409 34.85 -5.96 -2.99
N LYS A 410 33.84 -5.99 -2.10
CA LYS A 410 33.26 -7.30 -1.68
C LYS A 410 32.22 -7.84 -2.69
N GLY A 411 31.77 -6.97 -3.62
CA GLY A 411 30.86 -7.41 -4.68
C GLY A 411 30.58 -6.29 -5.68
N PRO A 412 29.76 -6.57 -6.72
CA PRO A 412 29.48 -5.57 -7.77
C PRO A 412 28.79 -4.34 -7.15
N ALA A 413 28.88 -3.17 -7.81
CA ALA A 413 28.34 -1.94 -7.24
C ALA A 413 26.78 -1.97 -7.18
N TYR A 414 26.22 -1.12 -6.32
CA TYR A 414 24.73 -0.98 -6.25
C TYR A 414 24.17 -0.16 -7.43
N THR A 415 23.62 -0.86 -8.44
CA THR A 415 22.94 -0.24 -9.61
C THR A 415 21.77 -1.16 -9.93
N ALA A 416 20.78 -0.66 -10.70
CA ALA A 416 19.57 -1.44 -11.00
C ALA A 416 19.97 -2.64 -11.87
N ASP A 417 20.76 -2.37 -12.91
CA ASP A 417 21.20 -3.41 -13.83
C ASP A 417 22.00 -4.52 -13.15
N ASN A 418 22.92 -4.19 -12.23
CA ASN A 418 23.60 -5.28 -11.54
C ASN A 418 22.64 -6.17 -10.74
N GLY A 419 21.65 -5.53 -10.09
CA GLY A 419 20.68 -6.22 -9.27
C GLY A 419 19.84 -7.14 -10.16
N ILE A 420 19.33 -6.59 -11.27
CA ILE A 420 18.50 -7.34 -12.18
C ILE A 420 19.32 -8.50 -12.82
N GLN A 421 20.56 -8.23 -13.22
CA GLN A 421 21.40 -9.29 -13.83
C GLN A 421 21.65 -10.45 -12.82
N LEU A 422 21.78 -10.11 -11.54
CA LEU A 422 22.05 -11.11 -10.49
C LEU A 422 20.83 -12.01 -10.26
N LEU A 423 19.64 -11.43 -10.36
CA LEU A 423 18.41 -12.23 -10.28
C LEU A 423 18.24 -13.15 -11.50
N LEU A 424 18.42 -12.58 -12.70
CA LEU A 424 18.31 -13.41 -13.94
C LEU A 424 19.32 -14.54 -13.86
N ALA A 425 20.56 -14.27 -13.40
CA ALA A 425 21.56 -15.33 -13.32
C ALA A 425 21.18 -16.46 -12.33
N GLN A 426 20.47 -16.15 -11.23
CA GLN A 426 19.98 -17.21 -10.34
C GLN A 426 18.86 -18.05 -11.03
N GLY A 427 18.30 -17.53 -12.12
CA GLY A 427 17.23 -18.21 -12.83
C GLY A 427 15.83 -17.70 -12.58
N VAL A 428 15.67 -16.51 -12.00
CA VAL A 428 14.36 -15.89 -11.94
C VAL A 428 13.99 -15.47 -13.37
N PRO A 429 12.76 -15.77 -13.80
CA PRO A 429 12.30 -15.39 -15.10
C PRO A 429 12.14 -13.88 -15.22
N ALA A 430 12.58 -13.31 -16.36
CA ALA A 430 12.42 -11.89 -16.60
C ALA A 430 11.00 -11.42 -16.43
N ASN A 431 10.02 -12.23 -16.86
CA ASN A 431 8.63 -11.79 -16.85
C ASN A 431 7.95 -11.81 -15.48
N LYS A 432 8.71 -12.10 -14.41
CA LYS A 432 8.18 -11.94 -13.04
C LYS A 432 8.82 -10.74 -12.34
N LEU A 433 9.81 -10.11 -12.98
CA LEU A 433 10.56 -8.99 -12.35
C LEU A 433 9.96 -7.64 -12.69
N VAL A 434 9.72 -6.80 -11.66
CA VAL A 434 9.20 -5.45 -11.87
C VAL A 434 10.27 -4.43 -11.46
N LEU A 435 10.59 -3.49 -12.36
CA LEU A 435 11.68 -2.56 -12.12
C LEU A 435 11.20 -1.29 -11.38
N GLY A 436 11.93 -0.87 -10.33
CA GLY A 436 11.47 0.25 -9.52
C GLY A 436 12.00 1.60 -9.92
N THR A 437 11.09 2.58 -9.82
CA THR A 437 11.34 3.96 -10.09
CA THR A 437 11.41 3.98 -10.06
C THR A 437 11.13 4.75 -8.78
N ALA A 438 12.00 5.75 -8.50
CA ALA A 438 11.85 6.58 -7.31
C ALA A 438 11.06 7.82 -7.65
N MET A 439 10.03 8.09 -6.85
CA MET A 439 9.34 9.39 -6.91
C MET A 439 9.82 10.36 -5.85
N TYR A 440 11.12 10.32 -5.55
CA TYR A 440 11.70 11.12 -4.48
C TYR A 440 13.22 11.13 -4.70
N GLY A 441 13.87 12.10 -4.08
CA GLY A 441 15.34 12.19 -4.13
C GLY A 441 15.89 11.88 -2.75
N ARG A 442 17.13 11.39 -2.71
CA ARG A 442 17.86 11.43 -1.45
C ARG A 442 18.97 12.46 -1.63
N GLY A 443 19.48 13.02 -0.53
CA GLY A 443 20.48 14.05 -0.69
C GLY A 443 21.30 14.41 0.56
N TRP A 444 22.27 15.30 0.35
CA TRP A 444 23.29 15.62 1.34
C TRP A 444 23.42 17.15 1.38
N GLU A 445 24.10 17.63 2.46
CA GLU A 445 24.57 19.02 2.57
CA GLU A 445 24.58 19.03 2.51
C GLU A 445 26.09 18.96 2.44
N GLY A 446 26.69 20.11 2.15
CA GLY A 446 28.16 20.26 2.33
C GLY A 446 29.04 19.67 1.24
N VAL A 447 28.45 19.19 0.11
CA VAL A 447 29.25 18.70 -1.08
C VAL A 447 29.68 19.93 -1.95
N THR A 448 30.63 20.71 -1.44
CA THR A 448 31.03 21.95 -2.14
C THR A 448 32.17 21.67 -3.17
N PRO A 449 32.42 22.59 -4.10
CA PRO A 449 33.44 22.36 -5.11
C PRO A 449 34.77 21.89 -4.60
N ASP A 450 35.21 22.40 -3.46
CA ASP A 450 36.52 22.04 -2.98
C ASP A 450 36.60 20.57 -2.58
N THR A 451 35.47 19.83 -2.53
CA THR A 451 35.62 18.42 -2.14
C THR A 451 35.67 17.47 -3.31
N LEU A 452 35.40 17.95 -4.51
CA LEU A 452 35.27 17.09 -5.71
C LEU A 452 36.66 16.57 -6.16
N THR A 453 36.73 15.36 -6.72
CA THR A 453 37.96 14.96 -7.36
C THR A 453 37.83 15.20 -8.87
N ASP A 454 36.61 15.19 -9.41
CA ASP A 454 36.39 15.62 -10.81
C ASP A 454 35.47 16.85 -10.68
N PRO A 455 35.91 18.02 -11.22
CA PRO A 455 35.26 19.30 -10.91
C PRO A 455 33.94 19.46 -11.63
N ASN A 456 33.67 18.60 -12.61
CA ASN A 456 32.37 18.60 -13.26
C ASN A 456 31.35 17.54 -12.76
N ASP A 457 31.72 16.80 -11.74
CA ASP A 457 30.88 15.74 -11.21
C ASP A 457 30.80 15.81 -9.69
N PRO A 458 29.65 16.27 -9.16
CA PRO A 458 29.50 16.33 -7.67
C PRO A 458 29.39 14.96 -7.00
N MET A 459 29.14 13.88 -7.77
CA MET A 459 29.17 12.53 -7.22
CA MET A 459 29.18 12.53 -7.20
C MET A 459 30.58 12.11 -6.78
N THR A 460 31.60 12.93 -7.16
CA THR A 460 32.99 12.71 -6.67
C THR A 460 33.33 13.50 -5.41
N GLY A 461 32.39 14.26 -4.88
CA GLY A 461 32.62 15.02 -3.63
C GLY A 461 32.38 14.23 -2.37
N THR A 462 32.35 14.92 -1.21
CA THR A 462 32.12 14.32 0.09
C THR A 462 31.16 15.28 0.84
N ALA A 463 30.19 14.71 1.56
CA ALA A 463 29.16 15.49 2.26
C ALA A 463 29.59 15.77 3.71
N THR A 464 28.92 16.74 4.32
CA THR A 464 29.01 16.95 5.77
C THR A 464 27.84 16.29 6.51
N GLY A 465 26.73 15.95 5.82
CA GLY A 465 25.59 15.33 6.55
C GLY A 465 24.41 15.23 5.60
N LYS A 466 23.25 14.93 6.15
CA LYS A 466 22.05 14.68 5.32
C LYS A 466 21.47 15.99 4.90
N LEU A 467 20.73 15.99 3.80
CA LEU A 467 19.99 17.17 3.33
C LEU A 467 18.99 17.61 4.45
N LYS A 468 18.95 18.91 4.78
CA LYS A 468 17.89 19.49 5.68
C LYS A 468 16.86 20.28 4.89
N GLY A 469 15.57 20.22 5.25
CA GLY A 469 14.60 21.09 4.57
C GLY A 469 13.26 21.10 5.24
N SER A 470 12.32 21.96 4.80
CA SER A 470 11.03 21.97 5.45
C SER A 470 10.00 21.13 4.67
N THR A 471 8.91 20.81 5.38
CA THR A 471 7.81 20.04 4.76
C THR A 471 7.21 20.87 3.59
N ALA A 472 7.37 22.19 3.63
CA ALA A 472 6.78 22.99 2.56
C ALA A 472 7.52 22.71 1.23
N GLN A 473 8.79 22.26 1.32
CA GLN A 473 9.54 22.00 0.09
C GLN A 473 9.54 20.49 -0.20
N GLY A 474 8.71 19.74 0.53
CA GLY A 474 8.56 18.28 0.39
C GLY A 474 9.55 17.41 1.13
N VAL A 475 10.19 17.96 2.16
CA VAL A 475 11.18 17.26 2.94
C VAL A 475 10.46 16.82 4.18
N TRP A 476 10.03 15.55 4.22
CA TRP A 476 9.36 15.04 5.43
C TRP A 476 10.30 14.42 6.43
N GLU A 477 11.53 14.07 6.02
CA GLU A 477 12.56 13.66 6.96
C GLU A 477 13.90 13.95 6.37
N ASP A 478 14.92 14.03 7.24
CA ASP A 478 16.27 14.43 6.85
C ASP A 478 16.74 13.55 5.73
N GLY A 479 17.30 14.19 4.73
CA GLY A 479 17.91 13.50 3.60
C GLY A 479 17.00 12.92 2.53
N VAL A 480 15.69 13.20 2.60
CA VAL A 480 14.73 12.71 1.61
C VAL A 480 13.78 13.83 1.16
N ILE A 481 13.49 13.98 -0.16
CA ILE A 481 12.66 15.06 -0.64
C ILE A 481 11.70 14.53 -1.73
N ASP A 482 10.42 14.89 -1.66
CA ASP A 482 9.50 14.45 -2.72
C ASP A 482 9.97 14.91 -4.12
N TYR A 483 9.71 14.08 -5.12
CA TYR A 483 9.99 14.56 -6.52
C TYR A 483 9.22 15.86 -6.80
N LYS A 484 7.97 15.94 -6.38
CA LYS A 484 7.27 17.23 -6.62
C LYS A 484 7.92 18.49 -5.97
N GLY A 485 8.62 18.33 -4.85
CA GLY A 485 9.39 19.39 -4.20
C GLY A 485 10.66 19.76 -5.00
N ILE A 486 11.37 18.75 -5.48
CA ILE A 486 12.52 18.94 -6.39
C ILE A 486 12.08 19.73 -7.62
N LYS A 487 10.94 19.36 -8.20
CA LYS A 487 10.49 20.05 -9.39
C LYS A 487 10.12 21.50 -9.11
N SER A 488 9.33 21.72 -8.04
CA SER A 488 8.97 23.11 -7.63
C SER A 488 10.09 24.02 -7.15
N PHE A 489 11.01 23.49 -6.40
CA PHE A 489 11.95 24.34 -5.72
C PHE A 489 13.41 24.23 -6.15
N MET A 490 13.76 23.28 -7.03
CA MET A 490 15.17 23.10 -7.47
CA MET A 490 15.16 23.13 -7.48
C MET A 490 15.34 23.08 -8.99
N LEU A 491 14.39 22.49 -9.69
CA LEU A 491 14.48 22.43 -11.17
C LEU A 491 13.81 23.65 -11.80
N GLY A 492 12.62 24.01 -11.30
CA GLY A 492 11.69 24.92 -11.98
C GLY A 492 11.11 24.44 -13.32
N ALA A 493 10.26 25.26 -13.94
CA ALA A 493 9.50 24.81 -15.13
C ALA A 493 10.39 24.37 -16.30
N ASN A 494 11.45 25.11 -16.59
CA ASN A 494 12.30 24.67 -17.69
C ASN A 494 13.34 23.56 -17.44
N ASN A 495 13.40 23.07 -16.19
CA ASN A 495 14.27 21.94 -15.88
C ASN A 495 15.75 22.23 -16.05
N THR A 496 16.10 23.50 -15.82
CA THR A 496 17.45 23.98 -15.84
C THR A 496 18.03 24.47 -14.50
N GLY A 497 17.19 24.62 -13.44
CA GLY A 497 17.72 24.84 -12.05
C GLY A 497 17.41 26.23 -11.50
N ILE A 498 16.86 26.30 -10.28
CA ILE A 498 16.43 27.56 -9.67
C ILE A 498 16.95 27.64 -8.25
N ASN A 499 16.85 28.79 -7.59
CA ASN A 499 17.17 28.92 -6.19
C ASN A 499 18.61 28.48 -5.90
N GLY A 500 19.52 28.72 -6.84
CA GLY A 500 20.94 28.35 -6.69
C GLY A 500 21.34 26.92 -7.06
N PHE A 501 20.34 26.11 -7.46
CA PHE A 501 20.64 24.74 -7.97
C PHE A 501 20.90 24.64 -9.49
N GLU A 502 21.84 23.76 -9.89
CA GLU A 502 21.93 23.44 -11.32
C GLU A 502 21.58 21.95 -11.54
N TYR A 503 21.08 21.63 -12.75
CA TYR A 503 20.72 20.26 -13.15
C TYR A 503 21.92 19.61 -13.86
N GLY A 504 22.14 18.31 -13.63
CA GLY A 504 23.17 17.54 -14.35
C GLY A 504 22.60 16.16 -14.64
N TYR A 505 23.14 15.48 -15.64
CA TYR A 505 22.68 14.10 -15.97
C TYR A 505 23.90 13.29 -16.27
N ASP A 506 24.07 12.18 -15.58
CA ASP A 506 25.18 11.26 -15.83
C ASP A 506 24.64 10.27 -16.94
N ALA A 507 25.05 10.50 -18.21
CA ALA A 507 24.51 9.71 -19.34
C ALA A 507 24.97 8.24 -19.28
N GLN A 508 26.12 7.97 -18.65
CA GLN A 508 26.63 6.61 -18.52
C GLN A 508 25.79 5.81 -17.48
N ALA A 509 25.46 6.45 -16.34
CA ALA A 509 24.60 5.86 -15.30
C ALA A 509 23.09 5.83 -15.68
N GLU A 510 22.66 6.80 -16.50
CA GLU A 510 21.22 7.14 -16.73
C GLU A 510 20.65 7.69 -15.38
N ALA A 511 21.20 8.79 -14.89
CA ALA A 511 20.83 9.31 -13.53
C ALA A 511 21.01 10.80 -13.48
N PRO A 512 19.96 11.53 -13.05
CA PRO A 512 20.01 12.99 -12.91
C PRO A 512 20.37 13.40 -11.50
N TRP A 513 20.80 14.64 -11.38
CA TRP A 513 21.02 15.26 -10.06
C TRP A 513 20.74 16.74 -10.15
N VAL A 514 20.48 17.35 -8.99
CA VAL A 514 20.56 18.85 -8.86
C VAL A 514 21.57 19.17 -7.76
N TRP A 515 22.34 20.24 -7.96
CA TRP A 515 23.40 20.56 -7.06
C TRP A 515 23.42 22.06 -6.78
N ASN A 516 23.50 22.43 -5.51
CA ASN A 516 23.71 23.84 -5.17
C ASN A 516 25.17 23.96 -4.69
N ARG A 517 26.00 24.56 -5.53
CA ARG A 517 27.45 24.72 -5.26
C ARG A 517 27.77 25.43 -3.96
N SER A 518 26.95 26.43 -3.58
CA SER A 518 27.25 27.18 -2.37
C SER A 518 26.86 26.49 -1.05
N THR A 519 25.67 25.87 -0.97
CA THR A 519 25.35 25.10 0.25
C THR A 519 25.96 23.70 0.26
N GLY A 520 26.44 23.29 -0.93
CA GLY A 520 26.87 21.91 -1.14
C GLY A 520 25.69 20.94 -1.09
N GLU A 521 24.44 21.42 -1.21
CA GLU A 521 23.27 20.53 -1.27
C GLU A 521 23.27 19.71 -2.58
N LEU A 522 23.19 18.39 -2.47
CA LEU A 522 23.14 17.58 -3.69
C LEU A 522 22.06 16.54 -3.56
N ILE A 523 21.20 16.39 -4.58
CA ILE A 523 20.04 15.46 -4.55
C ILE A 523 20.11 14.50 -5.77
N THR A 524 19.96 13.20 -5.51
CA THR A 524 19.93 12.15 -6.56
C THR A 524 18.47 11.61 -6.61
N PHE A 525 17.91 11.44 -7.81
CA PHE A 525 16.47 11.19 -7.97
C PHE A 525 16.26 10.58 -9.35
N ASP A 526 14.98 10.30 -9.71
CA ASP A 526 14.64 9.87 -11.09
C ASP A 526 13.92 11.02 -11.81
N ASP A 527 14.25 11.29 -13.09
CA ASP A 527 13.53 12.31 -13.84
C ASP A 527 12.95 11.73 -15.13
N HIS A 528 12.36 12.60 -15.96
CA HIS A 528 11.73 12.12 -17.18
C HIS A 528 12.74 11.32 -18.02
N ARG A 529 13.96 11.84 -18.21
CA ARG A 529 14.99 11.12 -19.03
C ARG A 529 15.41 9.71 -18.41
N SER A 530 15.67 9.65 -17.10
CA SER A 530 16.15 8.37 -16.53
C SER A 530 15.00 7.36 -16.55
N VAL A 531 13.75 7.83 -16.43
CA VAL A 531 12.61 6.91 -16.37
C VAL A 531 12.32 6.33 -17.80
N LEU A 532 12.46 7.18 -18.83
CA LEU A 532 12.42 6.62 -20.21
C LEU A 532 13.53 5.53 -20.42
N ALA A 533 14.70 5.76 -19.87
CA ALA A 533 15.77 4.76 -20.00
C ALA A 533 15.36 3.44 -19.30
N LYS A 534 14.77 3.57 -18.10
CA LYS A 534 14.29 2.38 -17.38
C LYS A 534 13.18 1.65 -18.15
N GLY A 535 12.26 2.37 -18.80
CA GLY A 535 11.27 1.69 -19.60
C GLY A 535 11.90 0.96 -20.79
N ASN A 536 12.83 1.60 -21.51
CA ASN A 536 13.58 0.89 -22.61
C ASN A 536 14.28 -0.40 -22.09
N TYR A 537 14.96 -0.28 -20.93
CA TYR A 537 15.63 -1.39 -20.29
C TYR A 537 14.67 -2.55 -19.97
N ALA A 538 13.55 -2.22 -19.30
CA ALA A 538 12.50 -3.20 -18.97
C ALA A 538 11.99 -3.88 -20.28
N LYS A 539 11.72 -3.07 -21.33
CA LYS A 539 11.32 -3.67 -22.64
C LYS A 539 12.33 -4.61 -23.24
N SER A 540 13.60 -4.18 -23.29
CA SER A 540 14.70 -4.99 -23.84
C SER A 540 14.84 -6.32 -23.17
N LEU A 541 14.64 -6.42 -21.86
CA LEU A 541 14.86 -7.68 -21.19
C LEU A 541 13.60 -8.45 -21.07
N GLY A 542 12.47 -7.90 -21.49
CA GLY A 542 11.19 -8.57 -21.29
C GLY A 542 10.78 -8.68 -19.80
N LEU A 543 11.06 -7.63 -19.03
CA LEU A 543 10.52 -7.55 -17.62
C LEU A 543 8.99 -7.43 -17.59
N ALA A 544 8.35 -7.69 -16.44
CA ALA A 544 6.91 -7.56 -16.28
C ALA A 544 6.35 -6.11 -16.43
N GLY A 545 7.17 -5.12 -16.07
CA GLY A 545 6.78 -3.71 -16.06
C GLY A 545 7.59 -2.90 -15.09
N LEU A 546 6.97 -1.84 -14.60
CA LEU A 546 7.63 -0.87 -13.76
C LEU A 546 6.76 -0.66 -12.48
N PHE A 547 7.41 -0.28 -11.38
CA PHE A 547 6.64 0.20 -10.22
C PHE A 547 7.36 1.38 -9.61
N SER A 548 6.67 2.09 -8.73
CA SER A 548 7.20 3.32 -8.13
C SER A 548 6.90 3.43 -6.60
N TRP A 549 7.70 4.24 -5.93
N TRP A 549 7.82 4.06 -5.89
CA TRP A 549 7.69 4.46 -4.47
CA TRP A 549 7.59 4.52 -4.49
C TRP A 549 7.93 5.99 -4.24
C TRP A 549 7.83 6.03 -4.42
N GLU A 550 6.96 6.81 -3.80
CA GLU A 550 5.57 6.47 -3.38
C GLU A 550 4.66 7.53 -4.10
N ILE A 551 3.38 7.24 -4.28
CA ILE A 551 2.57 7.91 -5.29
C ILE A 551 2.27 9.34 -4.89
N ASP A 552 2.14 9.59 -3.57
CA ASP A 552 1.85 10.94 -3.11
C ASP A 552 2.98 11.93 -3.43
N ALA A 553 4.20 11.43 -3.66
CA ALA A 553 5.33 12.34 -3.91
C ALA A 553 5.47 12.81 -5.39
N ASP A 554 4.71 12.23 -6.32
CA ASP A 554 4.82 12.54 -7.76
C ASP A 554 3.88 13.78 -8.01
N ASN A 555 4.13 14.55 -9.08
CA ASN A 555 3.15 15.55 -9.54
C ASN A 555 2.49 15.10 -10.89
N GLY A 556 2.69 13.81 -11.28
CA GLY A 556 2.30 13.38 -12.60
C GLY A 556 3.48 13.05 -13.49
N ASP A 557 4.58 13.81 -13.39
CA ASP A 557 5.69 13.64 -14.35
C ASP A 557 6.31 12.21 -14.30
N ILE A 558 6.47 11.64 -13.10
CA ILE A 558 7.15 10.33 -13.05
C ILE A 558 6.28 9.21 -13.63
N LEU A 559 5.03 9.12 -13.20
CA LEU A 559 4.10 8.13 -13.75
C LEU A 559 3.90 8.34 -15.27
N ASN A 560 3.85 9.60 -15.72
CA ASN A 560 3.69 9.83 -17.19
C ASN A 560 4.93 9.28 -17.87
N ALA A 561 6.12 9.55 -17.32
CA ALA A 561 7.38 9.03 -17.97
C ALA A 561 7.44 7.55 -17.95
N MET A 562 6.87 6.94 -16.90
CA MET A 562 6.84 5.45 -16.87
C MET A 562 6.05 4.90 -18.07
N HIS A 563 4.90 5.49 -18.31
CA HIS A 563 4.07 5.04 -19.45
C HIS A 563 4.76 5.40 -20.81
N GLU A 564 5.22 6.65 -20.95
CA GLU A 564 5.94 7.02 -22.14
C GLU A 564 7.21 6.11 -22.41
N GLY A 565 7.91 5.70 -21.35
CA GLY A 565 9.07 4.84 -21.50
C GLY A 565 8.74 3.46 -22.02
N MET A 566 7.52 2.98 -21.72
CA MET A 566 7.16 1.59 -22.02
C MET A 566 6.52 1.52 -23.43
N ALA A 567 6.10 2.66 -23.94
CA ALA A 567 5.62 2.74 -25.29
C ALA A 567 6.83 2.69 -26.22
N GLY A 568 7.81 3.56 -25.94
CA GLY A 568 8.87 3.90 -26.89
C GLY A 568 10.29 3.31 -26.93
N GLY A 569 10.69 2.51 -25.93
CA GLY A 569 12.07 1.95 -25.91
C GLY A 569 12.64 1.30 -27.19
N VAL A 570 11.96 0.26 -27.69
CA VAL A 570 12.38 -0.57 -28.85
C VAL A 570 11.78 -1.97 -28.62
C1 CTI B . 19.39 2.61 4.61
C2 CTI B . 19.84 3.13 5.85
C3 CTI B . 18.95 3.92 6.63
C4 CTI B . 17.66 4.18 6.16
C5 CTI B . 21.14 2.87 6.29
C6 CTI B . 21.55 3.40 7.54
C7 CTI B . 20.65 4.19 8.31
C8 CTI B . 19.35 4.45 7.85
N9 CTI B . 22.07 2.06 5.52
C10 CTI B . 22.86 3.16 8.03
C11 CTI B . 23.76 2.38 7.27
C12 CTI B . 23.36 1.85 6.04
C13 CTI B . 21.77 1.44 4.20
C14 CTI B . 25.48 2.66 8.99
C15 CTI B . 24.59 3.44 9.74
C16 CTI B . 23.29 3.69 9.27
C17 CTI B . 25.07 2.14 7.73
O18 CTI B . 25.92 1.39 6.97
C19 CTI B . 26.52 2.22 5.91
O20 CTI B . 26.76 2.42 9.46
C21 CTI B . 27.00 1.16 10.19
C22 CTI B . 18.11 2.87 4.16
C23 CTI B . 17.23 3.65 4.93
O24 CTI B . 17.48 2.48 3.02
C25 CTI B . 16.07 2.69 3.27
O26 CTI B . 16.03 3.74 4.26
C1 CTI C . 17.65 1.13 7.97
C2 CTI C . 18.62 1.23 8.96
C3 CTI C . 18.37 1.97 10.13
C4 CTI C . 17.13 2.61 10.26
C5 CTI C . 19.84 0.55 8.80
C6 CTI C . 20.82 0.64 9.81
C7 CTI C . 20.56 1.39 10.98
C8 CTI C . 19.34 2.05 11.13
N9 CTI C . 20.09 -0.19 7.62
C10 CTI C . 22.06 -0.02 9.65
C11 CTI C . 22.31 -0.77 8.47
C12 CTI C . 21.33 -0.84 7.47
C13 CTI C . 19.06 -0.30 6.54
C14 CTI C . 24.52 -1.34 9.31
C15 CTI C . 24.26 -0.61 10.48
C16 CTI C . 23.04 0.06 10.65
C17 CTI C . 23.53 -1.44 8.30
O18 CTI C . 23.77 -2.15 7.15
C19 CTI C . 24.20 -3.53 7.27
O20 CTI C . 25.74 -1.98 9.19
C21 CTI C . 26.68 -1.49 8.18
C22 CTI C . 16.42 1.76 8.08
C23 CTI C . 16.17 2.51 9.23
O24 CTI C . 15.35 1.78 7.21
C25 CTI C . 14.38 2.68 7.80
O26 CTI C . 14.89 3.04 9.13
C1 GOL D . 20.09 -2.18 -2.33
O1 GOL D . 20.12 -3.35 -1.52
C2 GOL D . 18.66 -1.69 -2.57
O2 GOL D . 17.76 -2.68 -3.11
C3 GOL D . 18.09 -1.15 -1.22
O3 GOL D . 16.73 -0.81 -1.40
#